data_6BQX
#
_entry.id   6BQX
#
_cell.length_a   117.150
_cell.length_b   64.901
_cell.length_c   75.416
_cell.angle_alpha   90.000
_cell.angle_beta   126.530
_cell.angle_gamma   90.000
#
_symmetry.space_group_name_H-M   'C 1 2 1'
#
loop_
_entity.id
_entity.type
_entity.pdbx_description
1 polymer 'Thiol:disulfide interchange protein DsbA'
2 non-polymer N-methyl-1-(4-phenoxyphenyl)methanamine
3 water water
#
_entity_poly.entity_id   1
_entity_poly.type   'polypeptide(L)'
_entity_poly.pdbx_seq_one_letter_code
;AQYEDGKQYTTLEKPVAGAPQVLEFFSFFCPHCYQFEEVLHISDNVKKKLPEGVKMTKYHVNFMGGDLGKDLTQAWAVAM
ALGVEDKVTVPLFEGVQKTQTIRSASDIRDVFINAGIKGEEYDAAWNSFVVKSLVAQQEKAAADVQLRGVPAMFVNGKYQ
LNPQGMDTSNMDVFVQQYADTVKYLSEKK
;
_entity_poly.pdbx_strand_id   A,B
#
# COMPACT_ATOMS: atom_id res chain seq x y z
N ALA A 1 34.06 3.60 -5.20
CA ALA A 1 33.23 2.46 -4.81
C ALA A 1 32.07 2.95 -3.98
N GLN A 2 31.40 3.98 -4.48
CA GLN A 2 30.20 4.50 -3.84
C GLN A 2 28.97 3.65 -4.16
N TYR A 3 28.95 3.04 -5.34
CA TYR A 3 27.98 2.02 -5.71
C TYR A 3 28.69 0.67 -5.74
N GLU A 4 28.24 -0.27 -4.92
CA GLU A 4 28.92 -1.55 -4.74
C GLU A 4 27.99 -2.68 -5.15
N ASP A 5 28.51 -3.59 -5.96
CA ASP A 5 27.75 -4.78 -6.31
C ASP A 5 27.42 -5.56 -5.05
N GLY A 6 26.13 -5.81 -4.83
CA GLY A 6 25.63 -6.36 -3.60
C GLY A 6 25.00 -5.35 -2.66
N LYS A 7 25.17 -4.05 -2.90
CA LYS A 7 24.62 -3.04 -1.99
C LYS A 7 23.41 -2.34 -2.60
N GLN A 8 23.64 -1.39 -3.50
CA GLN A 8 22.53 -0.71 -4.17
C GLN A 8 21.99 -1.52 -5.35
N TYR A 9 22.74 -2.51 -5.81
CA TYR A 9 22.32 -3.36 -6.91
C TYR A 9 23.05 -4.69 -6.76
N THR A 10 22.55 -5.68 -7.50
CA THR A 10 23.21 -6.96 -7.63
C THR A 10 23.47 -7.23 -9.11
N THR A 11 24.36 -8.18 -9.39
CA THR A 11 24.68 -8.53 -10.76
C THR A 11 24.09 -9.91 -11.06
N LEU A 12 23.35 -9.99 -12.16
CA LEU A 12 22.83 -11.27 -12.60
C LEU A 12 23.99 -12.23 -12.88
N GLU A 13 23.84 -13.47 -12.41
CA GLU A 13 24.83 -14.50 -12.68
C GLU A 13 24.71 -15.03 -14.11
N LYS A 14 23.49 -15.08 -14.65
CA LYS A 14 23.25 -15.39 -16.06
C LYS A 14 22.71 -14.13 -16.72
N PRO A 15 23.56 -13.26 -17.26
CA PRO A 15 23.06 -12.04 -17.90
C PRO A 15 22.18 -12.37 -19.11
N VAL A 16 21.18 -11.54 -19.33
CA VAL A 16 20.19 -11.75 -20.37
C VAL A 16 20.56 -10.91 -21.58
N ALA A 17 20.97 -11.56 -22.67
CA ALA A 17 21.31 -10.86 -23.90
C ALA A 17 20.05 -10.36 -24.61
N GLY A 18 20.18 -9.19 -25.25
CA GLY A 18 19.08 -8.58 -25.98
C GLY A 18 18.02 -7.90 -25.15
N ALA A 19 18.20 -7.83 -23.82
CA ALA A 19 17.14 -7.34 -22.92
C ALA A 19 16.83 -5.87 -23.19
N PRO A 20 15.68 -5.38 -22.73
CA PRO A 20 15.45 -3.92 -22.76
C PRO A 20 16.43 -3.20 -21.85
N GLN A 21 16.64 -1.91 -22.13
CA GLN A 21 17.66 -1.16 -21.40
C GLN A 21 17.26 -0.93 -19.94
N VAL A 22 16.03 -0.49 -19.69
CA VAL A 22 15.49 -0.36 -18.34
C VAL A 22 14.16 -1.10 -18.32
N LEU A 23 14.05 -2.12 -17.46
CA LEU A 23 12.92 -3.02 -17.45
C LEU A 23 12.38 -3.12 -16.03
N GLU A 24 11.14 -2.67 -15.84
CA GLU A 24 10.50 -2.66 -14.54
C GLU A 24 9.35 -3.67 -14.53
N PHE A 25 9.22 -4.43 -13.44
CA PHE A 25 8.10 -5.33 -13.27
C PHE A 25 7.28 -4.88 -12.06
N PHE A 26 5.97 -5.10 -12.13
CA PHE A 26 5.07 -4.74 -11.03
C PHE A 26 3.84 -5.64 -11.07
N SER A 27 3.00 -5.52 -10.03
CA SER A 27 1.66 -6.12 -9.99
C SER A 27 0.72 -5.11 -9.38
N PHE A 28 -0.50 -4.98 -9.93
CA PHE A 28 -1.50 -4.13 -9.31
C PHE A 28 -1.95 -4.67 -7.94
N PHE A 29 -1.62 -5.92 -7.60
CA PHE A 29 -1.89 -6.51 -6.28
C PHE A 29 -0.77 -6.25 -5.27
N CYS A 30 0.31 -5.63 -5.68
CA CYS A 30 1.54 -5.64 -4.91
C CYS A 30 1.61 -4.36 -4.05
N PRO A 31 1.64 -4.48 -2.71
CA PRO A 31 1.50 -3.27 -1.87
C PRO A 31 2.65 -2.29 -2.01
N HIS A 32 3.89 -2.78 -2.07
CA HIS A 32 5.01 -1.89 -2.32
C HIS A 32 4.93 -1.26 -3.71
N CYS A 33 4.35 -1.96 -4.70
CA CYS A 33 4.21 -1.38 -6.04
C CYS A 33 3.25 -0.20 -6.04
N TYR A 34 2.18 -0.29 -5.23
CA TYR A 34 1.30 0.84 -5.00
C TYR A 34 2.07 2.05 -4.45
N GLN A 35 2.85 1.84 -3.38
CA GLN A 35 3.68 2.95 -2.89
C GLN A 35 4.64 3.45 -3.98
N PHE A 36 5.29 2.53 -4.71
CA PHE A 36 6.28 2.94 -5.71
C PHE A 36 5.67 3.86 -6.75
N GLU A 37 4.44 3.57 -7.18
CA GLU A 37 3.82 4.26 -8.29
C GLU A 37 2.98 5.45 -7.85
N GLU A 38 2.16 5.26 -6.83
CA GLU A 38 1.18 6.27 -6.45
C GLU A 38 1.73 7.33 -5.49
N VAL A 39 2.75 7.01 -4.69
CA VAL A 39 3.27 7.92 -3.65
C VAL A 39 4.69 8.39 -3.96
N LEU A 40 5.57 7.49 -4.40
CA LEU A 40 6.96 7.82 -4.73
C LEU A 40 7.15 8.24 -6.19
N HIS A 41 6.33 7.73 -7.11
CA HIS A 41 6.43 7.99 -8.54
C HIS A 41 7.79 7.56 -9.10
N ILE A 42 8.17 6.31 -8.80
CA ILE A 42 9.50 5.83 -9.16
C ILE A 42 9.73 5.90 -10.67
N SER A 43 8.82 5.32 -11.46
CA SER A 43 9.04 5.23 -12.91
C SER A 43 9.29 6.60 -13.51
N ASP A 44 8.47 7.58 -13.14
CA ASP A 44 8.60 8.92 -13.68
C ASP A 44 9.94 9.57 -13.31
N ASN A 45 10.41 9.35 -12.07
CA ASN A 45 11.62 10.05 -11.67
C ASN A 45 12.86 9.40 -12.28
N VAL A 46 12.85 8.08 -12.43
CA VAL A 46 13.90 7.39 -13.19
C VAL A 46 14.00 7.96 -14.60
N LYS A 47 12.86 8.07 -15.28
CA LYS A 47 12.85 8.51 -16.67
C LYS A 47 13.42 9.92 -16.81
N LYS A 48 13.16 10.79 -15.83
CA LYS A 48 13.71 12.15 -15.90
C LYS A 48 15.24 12.21 -15.70
N LYS A 49 15.91 11.15 -15.23
CA LYS A 49 17.38 11.12 -15.17
C LYS A 49 18.04 10.27 -16.26
N LEU A 50 17.26 9.54 -17.06
CA LEU A 50 17.95 8.60 -17.96
C LEU A 50 18.57 9.32 -19.15
N PRO A 51 19.77 8.89 -19.58
CA PRO A 51 20.43 9.52 -20.73
C PRO A 51 19.59 9.41 -21.99
N GLU A 52 19.87 10.30 -22.93
CA GLU A 52 19.15 10.36 -24.19
C GLU A 52 19.32 9.05 -24.98
N GLY A 53 18.21 8.50 -25.47
CA GLY A 53 18.25 7.27 -26.22
C GLY A 53 18.15 5.99 -25.40
N VAL A 54 17.98 6.09 -24.09
CA VAL A 54 17.74 4.92 -23.25
C VAL A 54 16.25 4.90 -22.93
N LYS A 55 15.55 3.87 -23.44
CA LYS A 55 14.10 3.71 -23.32
C LYS A 55 13.73 2.81 -22.15
N MET A 56 12.51 3.01 -21.63
CA MET A 56 12.04 2.34 -20.41
C MET A 56 10.83 1.47 -20.73
N THR A 57 10.88 0.22 -20.26
CA THR A 57 9.79 -0.74 -20.45
C THR A 57 9.23 -1.12 -19.09
N LYS A 58 7.91 -1.29 -19.00
CA LYS A 58 7.26 -1.70 -17.75
C LYS A 58 6.28 -2.82 -18.02
N TYR A 59 6.38 -3.92 -17.27
CA TYR A 59 5.60 -5.13 -17.53
C TYR A 59 4.91 -5.62 -16.24
N HIS A 60 3.69 -6.16 -16.39
CA HIS A 60 2.91 -6.78 -15.31
C HIS A 60 3.29 -8.26 -15.17
N VAL A 61 3.07 -8.82 -13.96
CA VAL A 61 3.38 -10.22 -13.69
C VAL A 61 2.12 -10.98 -13.26
N ASN A 62 2.18 -12.31 -13.40
CA ASN A 62 1.06 -13.18 -13.10
C ASN A 62 1.04 -13.73 -11.67
N PHE A 63 2.18 -13.78 -10.99
CA PHE A 63 2.27 -14.65 -9.81
C PHE A 63 1.59 -14.08 -8.54
N MET A 64 0.87 -12.96 -8.60
CA MET A 64 0.05 -12.51 -7.48
C MET A 64 -1.39 -12.34 -7.91
N GLY A 65 -2.32 -12.76 -7.05
CA GLY A 65 -3.72 -12.52 -7.29
C GLY A 65 -4.44 -13.55 -8.14
N GLY A 66 -3.84 -14.72 -8.35
CA GLY A 66 -4.53 -15.81 -9.03
C GLY A 66 -5.14 -15.43 -10.38
N ASP A 67 -6.44 -15.72 -10.52
CA ASP A 67 -7.15 -15.50 -11.77
C ASP A 67 -7.15 -14.03 -12.17
N LEU A 68 -7.54 -13.14 -11.24
CA LEU A 68 -7.52 -11.71 -11.51
C LEU A 68 -6.11 -11.23 -11.84
N GLY A 69 -5.09 -11.76 -11.15
CA GLY A 69 -3.73 -11.39 -11.49
C GLY A 69 -3.41 -11.62 -12.96
N LYS A 70 -3.89 -12.74 -13.53
CA LYS A 70 -3.65 -12.99 -14.95
C LYS A 70 -4.51 -12.09 -15.84
N ASP A 71 -5.77 -11.84 -15.45
CA ASP A 71 -6.58 -10.85 -16.18
C ASP A 71 -5.87 -9.51 -16.26
N LEU A 72 -5.17 -9.12 -15.17
CA LEU A 72 -4.54 -7.81 -15.14
C LEU A 72 -3.32 -7.74 -16.06
N THR A 73 -2.61 -8.86 -16.25
CA THR A 73 -1.50 -8.84 -17.20
C THR A 73 -2.01 -8.63 -18.63
N GLN A 74 -3.13 -9.25 -18.97
CA GLN A 74 -3.73 -9.03 -20.29
C GLN A 74 -4.27 -7.60 -20.42
N ALA A 75 -4.84 -7.06 -19.34
CA ALA A 75 -5.31 -5.66 -19.39
C ALA A 75 -4.14 -4.70 -19.56
N TRP A 76 -3.02 -4.97 -18.88
CA TRP A 76 -1.84 -4.14 -19.09
C TRP A 76 -1.37 -4.23 -20.54
N ALA A 77 -1.47 -5.42 -21.14
CA ALA A 77 -1.15 -5.56 -22.57
C ALA A 77 -2.06 -4.68 -23.44
N VAL A 78 -3.36 -4.64 -23.11
CA VAL A 78 -4.28 -3.73 -23.78
C VAL A 78 -3.84 -2.28 -23.60
N ALA A 79 -3.45 -1.92 -22.36
CA ALA A 79 -3.00 -0.57 -22.09
C ALA A 79 -1.77 -0.20 -22.94
N MET A 80 -0.83 -1.13 -23.07
CA MET A 80 0.34 -0.85 -23.90
C MET A 80 -0.05 -0.76 -25.37
N ALA A 81 -0.91 -1.67 -25.87
CA ALA A 81 -1.27 -1.65 -27.28
C ALA A 81 -2.02 -0.37 -27.66
N LEU A 82 -2.82 0.18 -26.76
CA LEU A 82 -3.58 1.38 -27.06
C LEU A 82 -2.88 2.66 -26.62
N GLY A 83 -1.77 2.57 -25.89
CA GLY A 83 -1.04 3.73 -25.42
C GLY A 83 -1.74 4.55 -24.34
N VAL A 84 -2.44 3.88 -23.41
CA VAL A 84 -3.23 4.59 -22.41
C VAL A 84 -2.78 4.23 -20.99
N GLU A 85 -1.51 3.81 -20.84
CA GLU A 85 -0.97 3.52 -19.52
C GLU A 85 -1.18 4.68 -18.55
N ASP A 86 -0.94 5.90 -19.00
CA ASP A 86 -1.04 7.12 -18.18
C ASP A 86 -2.45 7.40 -17.68
N LYS A 87 -3.45 6.74 -18.25
CA LYS A 87 -4.84 6.98 -17.90
C LYS A 87 -5.43 5.92 -16.99
N VAL A 88 -4.89 4.70 -17.04
CA VAL A 88 -5.48 3.58 -16.30
C VAL A 88 -4.65 3.14 -15.10
N THR A 89 -3.41 3.60 -14.95
CA THR A 89 -2.58 3.05 -13.87
C THR A 89 -3.15 3.41 -12.50
N VAL A 90 -3.58 4.65 -12.31
CA VAL A 90 -4.08 5.06 -11.00
C VAL A 90 -5.39 4.34 -10.65
N PRO A 91 -6.44 4.37 -11.50
CA PRO A 91 -7.70 3.70 -11.11
C PRO A 91 -7.58 2.19 -11.01
N LEU A 92 -6.62 1.56 -11.70
CA LEU A 92 -6.42 0.13 -11.50
C LEU A 92 -5.82 -0.16 -10.12
N PHE A 93 -4.74 0.56 -9.76
CA PHE A 93 -4.18 0.42 -8.41
C PHE A 93 -5.24 0.69 -7.33
N GLU A 94 -6.01 1.76 -7.49
CA GLU A 94 -6.99 2.08 -6.45
C GLU A 94 -8.13 1.07 -6.45
N GLY A 95 -8.56 0.62 -7.64
CA GLY A 95 -9.62 -0.38 -7.69
C GLY A 95 -9.24 -1.68 -7.01
N VAL A 96 -7.98 -2.13 -7.17
CA VAL A 96 -7.55 -3.36 -6.52
C VAL A 96 -7.28 -3.17 -5.01
N GLN A 97 -6.54 -2.12 -4.63
CA GLN A 97 -6.03 -2.04 -3.26
C GLN A 97 -6.74 -1.05 -2.35
N LYS A 98 -7.35 0.01 -2.89
CA LYS A 98 -7.95 1.02 -2.01
C LYS A 98 -9.43 0.79 -1.77
N THR A 99 -10.24 0.86 -2.83
CA THR A 99 -11.68 0.62 -2.74
C THR A 99 -12.05 -0.85 -2.85
N GLN A 100 -11.14 -1.68 -3.36
CA GLN A 100 -11.39 -3.12 -3.53
C GLN A 100 -12.69 -3.38 -4.29
N THR A 101 -12.87 -2.64 -5.37
CA THR A 101 -14.01 -2.75 -6.27
C THR A 101 -13.69 -3.49 -7.56
N ILE A 102 -12.44 -3.90 -7.77
CA ILE A 102 -12.06 -4.71 -8.92
C ILE A 102 -12.03 -6.16 -8.47
N ARG A 103 -13.00 -6.95 -8.93
CA ARG A 103 -13.12 -8.35 -8.55
C ARG A 103 -13.32 -9.30 -9.72
N SER A 104 -13.41 -8.78 -10.94
CA SER A 104 -13.62 -9.61 -12.12
C SER A 104 -13.02 -8.88 -13.31
N ALA A 105 -12.89 -9.63 -14.41
CA ALA A 105 -12.45 -9.02 -15.66
C ALA A 105 -13.38 -7.92 -16.10
N SER A 106 -14.69 -8.07 -15.85
CA SER A 106 -15.62 -7.00 -16.21
C SER A 106 -15.34 -5.72 -15.40
N ASP A 107 -14.97 -5.86 -14.12
CA ASP A 107 -14.64 -4.67 -13.34
C ASP A 107 -13.38 -3.98 -13.87
N ILE A 108 -12.41 -4.77 -14.37
CA ILE A 108 -11.23 -4.17 -14.99
C ILE A 108 -11.62 -3.35 -16.21
N ARG A 109 -12.47 -3.93 -17.07
CA ARG A 109 -12.96 -3.22 -18.25
C ARG A 109 -13.62 -1.90 -17.89
N ASP A 110 -14.39 -1.87 -16.78
CA ASP A 110 -15.08 -0.64 -16.38
C ASP A 110 -14.10 0.52 -16.21
N VAL A 111 -12.91 0.25 -15.68
CA VAL A 111 -11.91 1.31 -15.48
C VAL A 111 -11.50 1.92 -16.82
N PHE A 112 -11.30 1.08 -17.84
CA PHE A 112 -10.98 1.58 -19.17
C PHE A 112 -12.14 2.37 -19.77
N ILE A 113 -13.40 1.89 -19.61
CA ILE A 113 -14.56 2.64 -20.10
C ILE A 113 -14.62 4.02 -19.43
N ASN A 114 -14.41 4.06 -18.11
CA ASN A 114 -14.44 5.32 -17.37
C ASN A 114 -13.32 6.28 -17.77
N ALA A 115 -12.17 5.73 -18.15
CA ALA A 115 -11.05 6.55 -18.61
C ALA A 115 -11.24 7.02 -20.04
N GLY A 116 -12.30 6.59 -20.72
CA GLY A 116 -12.62 7.07 -22.03
C GLY A 116 -12.28 6.15 -23.20
N ILE A 117 -11.79 4.93 -22.94
CA ILE A 117 -11.60 3.98 -24.03
C ILE A 117 -12.96 3.42 -24.44
N LYS A 118 -13.29 3.53 -25.72
CA LYS A 118 -14.58 3.07 -26.22
C LYS A 118 -14.74 1.56 -26.00
N GLY A 119 -15.98 1.15 -25.73
CA GLY A 119 -16.25 -0.25 -25.41
C GLY A 119 -15.80 -1.20 -26.50
N GLU A 120 -16.11 -0.87 -27.77
CA GLU A 120 -15.74 -1.75 -28.88
C GLU A 120 -14.23 -1.79 -29.09
N GLU A 121 -13.54 -0.69 -28.81
CA GLU A 121 -12.08 -0.65 -28.95
C GLU A 121 -11.40 -1.49 -27.88
N TYR A 122 -11.88 -1.44 -26.66
CA TYR A 122 -11.31 -2.28 -25.61
C TYR A 122 -11.52 -3.75 -25.93
N ASP A 123 -12.74 -4.13 -26.32
CA ASP A 123 -13.04 -5.53 -26.56
C ASP A 123 -12.24 -6.08 -27.76
N ALA A 124 -12.14 -5.30 -28.85
CA ALA A 124 -11.30 -5.70 -29.97
C ALA A 124 -9.84 -5.90 -29.54
N ALA A 125 -9.30 -4.95 -28.77
CA ALA A 125 -7.93 -5.11 -28.28
C ALA A 125 -7.81 -6.34 -27.40
N TRP A 126 -8.71 -6.48 -26.42
CA TRP A 126 -8.66 -7.58 -25.46
C TRP A 126 -8.58 -8.94 -26.14
N ASN A 127 -9.29 -9.10 -27.25
CA ASN A 127 -9.33 -10.36 -27.97
C ASN A 127 -8.28 -10.46 -29.07
N SER A 128 -7.43 -9.46 -29.25
CA SER A 128 -6.54 -9.41 -30.40
C SER A 128 -5.30 -10.29 -30.19
N PHE A 129 -4.72 -10.73 -31.30
CA PHE A 129 -3.46 -11.47 -31.23
C PHE A 129 -2.25 -10.56 -31.05
N VAL A 130 -2.39 -9.26 -31.36
CA VAL A 130 -1.38 -8.29 -30.95
C VAL A 130 -1.27 -8.25 -29.43
N VAL A 131 -2.42 -8.32 -28.73
CA VAL A 131 -2.39 -8.33 -27.27
C VAL A 131 -1.88 -9.68 -26.75
N LYS A 132 -2.25 -10.78 -27.41
CA LYS A 132 -1.70 -12.07 -27.03
C LYS A 132 -0.18 -12.09 -27.15
N SER A 133 0.37 -11.44 -28.19
CA SER A 133 1.83 -11.41 -28.33
C SER A 133 2.46 -10.56 -27.22
N LEU A 134 1.77 -9.48 -26.80
CA LEU A 134 2.30 -8.66 -25.71
C LEU A 134 2.25 -9.40 -24.37
N VAL A 135 1.18 -10.16 -24.10
CA VAL A 135 1.19 -11.03 -22.92
C VAL A 135 2.38 -11.98 -22.98
N ALA A 136 2.61 -12.61 -24.14
CA ALA A 136 3.74 -13.53 -24.28
C ALA A 136 5.06 -12.83 -23.95
N GLN A 137 5.24 -11.60 -24.43
CA GLN A 137 6.49 -10.88 -24.17
C GLN A 137 6.66 -10.59 -22.69
N GLN A 138 5.58 -10.16 -22.02
CA GLN A 138 5.65 -9.91 -20.59
C GLN A 138 6.06 -11.17 -19.84
N GLU A 139 5.45 -12.30 -20.18
CA GLU A 139 5.79 -13.54 -19.48
C GLU A 139 7.21 -13.96 -19.79
N LYS A 140 7.64 -13.82 -21.04
CA LYS A 140 9.00 -14.20 -21.43
C LYS A 140 10.04 -13.46 -20.63
N ALA A 141 9.91 -12.13 -20.56
CA ALA A 141 10.90 -11.31 -19.86
C ALA A 141 10.99 -11.68 -18.37
N ALA A 142 9.85 -11.95 -17.73
CA ALA A 142 9.91 -12.35 -16.32
C ALA A 142 10.61 -13.70 -16.19
N ALA A 143 10.29 -14.64 -17.08
CA ALA A 143 10.94 -15.96 -17.01
C ALA A 143 12.43 -15.87 -17.28
N ASP A 144 12.84 -14.95 -18.15
CA ASP A 144 14.26 -14.78 -18.47
C ASP A 144 15.12 -14.49 -17.23
N VAL A 145 14.55 -13.86 -16.19
CA VAL A 145 15.35 -13.47 -15.04
C VAL A 145 14.88 -14.18 -13.76
N GLN A 146 14.10 -15.26 -13.90
CA GLN A 146 13.61 -16.04 -12.77
C GLN A 146 12.91 -15.16 -11.74
N LEU A 147 12.03 -14.28 -12.22
CA LEU A 147 11.44 -13.26 -11.37
C LEU A 147 10.44 -13.88 -10.38
N ARG A 148 10.64 -13.56 -9.10
CA ARG A 148 9.80 -14.02 -7.99
C ARG A 148 9.34 -12.92 -7.05
N GLY A 149 9.84 -11.70 -7.22
CA GLY A 149 9.38 -10.58 -6.41
C GLY A 149 9.15 -9.34 -7.23
N VAL A 150 8.14 -8.57 -6.87
CA VAL A 150 7.95 -7.21 -7.37
C VAL A 150 7.83 -6.29 -6.16
N PRO A 151 8.12 -5.01 -6.33
CA PRO A 151 8.61 -4.31 -7.52
C PRO A 151 10.03 -4.73 -7.86
N ALA A 152 10.42 -4.65 -9.13
CA ALA A 152 11.77 -5.03 -9.56
C ALA A 152 12.14 -4.18 -10.76
N MET A 153 13.42 -3.80 -10.84
CA MET A 153 13.92 -3.06 -12.00
C MET A 153 15.28 -3.62 -12.44
N PHE A 154 15.45 -3.79 -13.76
CA PHE A 154 16.65 -4.36 -14.34
C PHE A 154 17.21 -3.40 -15.38
N VAL A 155 18.55 -3.34 -15.47
CA VAL A 155 19.24 -2.41 -16.36
C VAL A 155 20.10 -3.22 -17.34
N ASN A 156 19.81 -3.09 -18.64
CA ASN A 156 20.60 -3.69 -19.71
C ASN A 156 20.79 -5.19 -19.54
N GLY A 157 19.82 -5.86 -18.93
CA GLY A 157 19.90 -7.29 -18.76
C GLY A 157 20.96 -7.78 -17.80
N LYS A 158 21.70 -6.90 -17.13
CA LYS A 158 22.82 -7.30 -16.31
C LYS A 158 22.66 -7.01 -14.82
N TYR A 159 21.97 -5.94 -14.46
CA TYR A 159 21.96 -5.44 -13.08
C TYR A 159 20.54 -5.30 -12.57
N GLN A 160 20.34 -5.67 -11.30
CA GLN A 160 19.05 -5.59 -10.64
C GLN A 160 19.14 -4.60 -9.49
N LEU A 161 18.22 -3.64 -9.44
CA LEU A 161 18.19 -2.66 -8.38
C LEU A 161 17.92 -3.31 -7.03
N ASN A 162 18.55 -2.76 -5.98
CA ASN A 162 18.39 -3.28 -4.62
C ASN A 162 18.01 -2.13 -3.68
N PRO A 163 16.72 -1.83 -3.59
CA PRO A 163 16.32 -0.69 -2.73
C PRO A 163 16.53 -0.92 -1.25
N GLN A 164 16.82 -2.16 -0.82
CA GLN A 164 17.05 -2.41 0.61
C GLN A 164 18.25 -1.65 1.16
N GLY A 165 19.15 -1.19 0.31
CA GLY A 165 20.29 -0.41 0.77
C GLY A 165 20.13 1.08 0.55
N MET A 166 19.00 1.64 1.01
CA MET A 166 18.70 3.06 0.81
C MET A 166 17.88 3.56 1.99
N ASP A 167 18.20 4.78 2.46
CA ASP A 167 17.51 5.40 3.59
C ASP A 167 16.10 5.83 3.19
N THR A 168 15.12 5.49 4.05
CA THR A 168 13.70 5.76 3.79
C THR A 168 13.09 6.74 4.80
N SER A 169 13.93 7.48 5.54
CA SER A 169 13.41 8.51 6.43
C SER A 169 12.75 9.64 5.66
N ASN A 170 13.30 9.97 4.50
CA ASN A 170 12.75 10.99 3.62
C ASN A 170 12.41 10.31 2.30
N MET A 171 11.15 10.41 1.90
CA MET A 171 10.74 9.74 0.68
C MET A 171 11.38 10.36 -0.56
N ASP A 172 11.59 11.69 -0.58
CA ASP A 172 12.17 12.31 -1.77
C ASP A 172 13.65 11.93 -1.95
N VAL A 173 14.40 11.88 -0.85
CA VAL A 173 15.78 11.45 -0.92
C VAL A 173 15.87 10.01 -1.43
N PHE A 174 14.98 9.13 -0.94
CA PHE A 174 14.98 7.75 -1.40
C PHE A 174 14.79 7.65 -2.92
N VAL A 175 13.81 8.37 -3.45
CA VAL A 175 13.53 8.28 -4.89
C VAL A 175 14.73 8.75 -5.69
N GLN A 176 15.35 9.83 -5.24
CA GLN A 176 16.51 10.42 -5.89
C GLN A 176 17.69 9.44 -5.89
N GLN A 177 17.89 8.74 -4.77
CA GLN A 177 18.93 7.72 -4.73
C GLN A 177 18.64 6.61 -5.72
N TYR A 178 17.37 6.21 -5.81
CA TYR A 178 16.96 5.14 -6.73
C TYR A 178 17.22 5.54 -8.18
N ALA A 179 16.74 6.72 -8.57
CA ALA A 179 16.92 7.16 -9.96
C ALA A 179 18.40 7.31 -10.31
N ASP A 180 19.18 7.91 -9.39
CA ASP A 180 20.60 8.13 -9.66
C ASP A 180 21.35 6.81 -9.84
N THR A 181 20.89 5.75 -9.14
CA THR A 181 21.51 4.42 -9.28
C THR A 181 21.20 3.82 -10.66
N VAL A 182 19.95 3.94 -11.13
CA VAL A 182 19.62 3.51 -12.48
C VAL A 182 20.45 4.26 -13.49
N LYS A 183 20.65 5.57 -13.27
CA LYS A 183 21.45 6.35 -14.21
C LYS A 183 22.89 5.85 -14.22
N TYR A 184 23.46 5.65 -13.03
CA TYR A 184 24.83 5.14 -12.94
C TYR A 184 24.96 3.82 -13.67
N LEU A 185 24.02 2.91 -13.42
CA LEU A 185 24.08 1.58 -14.01
C LEU A 185 23.93 1.63 -15.52
N SER A 186 23.05 2.50 -16.04
CA SER A 186 22.87 2.60 -17.48
C SER A 186 24.13 3.10 -18.19
N GLU A 187 24.94 3.89 -17.49
CA GLU A 187 26.16 4.47 -18.03
C GLU A 187 27.32 3.50 -18.02
N LYS A 188 27.08 2.28 -17.56
CA LYS A 188 28.14 1.37 -17.20
C LYS A 188 28.16 0.14 -18.11
N GLN B 2 -25.32 -17.45 13.56
CA GLN B 2 -25.10 -16.62 12.38
C GLN B 2 -23.62 -16.32 12.17
N TYR B 3 -22.88 -16.26 13.27
CA TYR B 3 -21.45 -15.93 13.27
C TYR B 3 -20.63 -17.18 13.53
N GLU B 4 -19.88 -17.62 12.52
CA GLU B 4 -19.15 -18.88 12.54
C GLU B 4 -17.66 -18.63 12.62
N ASP B 5 -16.95 -19.45 13.39
CA ASP B 5 -15.51 -19.30 13.56
C ASP B 5 -14.77 -19.67 12.27
N GLY B 6 -13.76 -18.87 11.94
CA GLY B 6 -13.06 -19.03 10.68
C GLY B 6 -13.72 -18.39 9.48
N LYS B 7 -14.89 -17.78 9.66
CA LYS B 7 -15.64 -17.18 8.56
C LYS B 7 -15.58 -15.66 8.64
N GLN B 8 -16.47 -15.06 9.42
CA GLN B 8 -16.43 -13.61 9.64
C GLN B 8 -15.44 -13.21 10.72
N TYR B 9 -14.80 -14.17 11.37
CA TYR B 9 -13.78 -13.87 12.36
C TYR B 9 -12.89 -15.10 12.50
N THR B 10 -11.83 -14.95 13.27
CA THR B 10 -10.93 -16.05 13.59
C THR B 10 -10.61 -16.00 15.08
N THR B 11 -9.99 -17.06 15.56
CA THR B 11 -9.66 -17.19 16.98
C THR B 11 -8.16 -17.20 17.16
N LEU B 12 -7.68 -16.30 18.01
CA LEU B 12 -6.25 -16.20 18.29
C LEU B 12 -5.79 -17.45 19.02
N GLU B 13 -4.78 -18.12 18.45
CA GLU B 13 -4.27 -19.33 19.09
C GLU B 13 -3.69 -19.02 20.46
N LYS B 14 -3.01 -17.88 20.60
CA LYS B 14 -2.44 -17.44 21.87
C LYS B 14 -3.14 -16.14 22.29
N PRO B 15 -4.22 -16.24 23.06
CA PRO B 15 -4.92 -15.02 23.52
C PRO B 15 -3.97 -14.06 24.25
N VAL B 16 -4.20 -12.76 24.05
CA VAL B 16 -3.40 -11.71 24.65
C VAL B 16 -4.09 -11.25 25.93
N ALA B 17 -3.42 -11.39 27.06
CA ALA B 17 -4.02 -11.06 28.36
C ALA B 17 -3.96 -9.57 28.62
N GLY B 18 -5.08 -9.03 29.13
CA GLY B 18 -5.17 -7.60 29.43
C GLY B 18 -5.37 -6.71 28.23
N ALA B 19 -5.77 -7.26 27.09
CA ALA B 19 -5.91 -6.46 25.88
C ALA B 19 -7.06 -5.47 26.01
N PRO B 20 -7.08 -4.42 25.19
CA PRO B 20 -8.27 -3.57 25.12
C PRO B 20 -9.46 -4.34 24.55
N GLN B 21 -10.66 -3.95 24.97
CA GLN B 21 -11.86 -4.66 24.51
C GLN B 21 -12.00 -4.60 22.99
N VAL B 22 -11.80 -3.43 22.39
CA VAL B 22 -11.81 -3.31 20.92
C VAL B 22 -10.56 -2.56 20.49
N LEU B 23 -9.73 -3.20 19.67
CA LEU B 23 -8.45 -2.63 19.25
C LEU B 23 -8.33 -2.67 17.72
N GLU B 24 -8.16 -1.49 17.12
CA GLU B 24 -7.94 -1.36 15.69
C GLU B 24 -6.49 -0.99 15.40
N PHE B 25 -5.91 -1.57 14.34
CA PHE B 25 -4.60 -1.20 13.82
C PHE B 25 -4.75 -0.58 12.44
N PHE B 26 -3.95 0.44 12.15
CA PHE B 26 -3.97 1.06 10.82
C PHE B 26 -2.60 1.65 10.53
N SER B 27 -2.45 2.11 9.29
CA SER B 27 -1.30 2.92 8.87
C SER B 27 -1.78 4.04 7.96
N PHE B 28 -1.19 5.23 8.13
CA PHE B 28 -1.45 6.36 7.24
C PHE B 28 -0.91 6.14 5.82
N PHE B 29 -0.08 5.12 5.59
CA PHE B 29 0.35 4.73 4.26
C PHE B 29 -0.59 3.73 3.60
N CYS B 30 -1.51 3.15 4.35
CA CYS B 30 -2.31 2.01 3.90
C CYS B 30 -3.56 2.49 3.14
N PRO B 31 -3.68 2.20 1.83
CA PRO B 31 -4.83 2.73 1.07
C PRO B 31 -6.18 2.21 1.55
N HIS B 32 -6.29 0.93 1.84
CA HIS B 32 -7.58 0.42 2.31
C HIS B 32 -7.94 0.99 3.69
N CYS B 33 -6.93 1.31 4.53
CA CYS B 33 -7.21 1.98 5.80
C CYS B 33 -7.82 3.36 5.58
N TYR B 34 -7.29 4.09 4.60
CA TYR B 34 -7.86 5.38 4.22
C TYR B 34 -9.34 5.23 3.85
N GLN B 35 -9.63 4.21 3.02
CA GLN B 35 -11.01 3.90 2.65
C GLN B 35 -11.86 3.51 3.87
N PHE B 36 -11.27 2.77 4.82
CA PHE B 36 -12.01 2.40 6.04
C PHE B 36 -12.47 3.63 6.82
N GLU B 37 -11.63 4.65 6.90
CA GLU B 37 -11.90 5.80 7.77
C GLU B 37 -12.67 6.90 7.05
N GLU B 38 -12.25 7.27 5.84
CA GLU B 38 -12.79 8.47 5.19
C GLU B 38 -14.05 8.19 4.38
N VAL B 39 -14.25 6.96 3.94
CA VAL B 39 -15.37 6.60 3.06
C VAL B 39 -16.36 5.70 3.77
N LEU B 40 -15.91 4.56 4.30
CA LEU B 40 -16.82 3.63 4.97
C LEU B 40 -17.16 4.04 6.40
N HIS B 41 -16.32 4.83 7.05
CA HIS B 41 -16.52 5.26 8.43
C HIS B 41 -16.73 4.05 9.34
N ILE B 42 -15.78 3.11 9.27
CA ILE B 42 -15.92 1.83 9.95
C ILE B 42 -15.95 1.99 11.46
N SER B 43 -15.05 2.82 12.00
CA SER B 43 -14.99 3.01 13.45
C SER B 43 -16.28 3.65 13.97
N ASP B 44 -16.81 4.64 13.25
CA ASP B 44 -18.02 5.32 13.69
C ASP B 44 -19.19 4.35 13.74
N ASN B 45 -19.31 3.47 12.73
CA ASN B 45 -20.44 2.55 12.70
C ASN B 45 -20.30 1.45 13.74
N VAL B 46 -19.07 0.99 13.98
CA VAL B 46 -18.83 0.06 15.09
C VAL B 46 -19.25 0.72 16.41
N LYS B 47 -18.78 1.94 16.64
CA LYS B 47 -19.05 2.62 17.91
C LYS B 47 -20.54 2.86 18.11
N LYS B 48 -21.24 3.31 17.06
CA LYS B 48 -22.68 3.51 17.13
C LYS B 48 -23.42 2.30 17.69
N LYS B 49 -22.82 1.11 17.64
CA LYS B 49 -23.51 -0.12 18.03
C LYS B 49 -22.82 -0.89 19.14
N LEU B 50 -21.82 -0.32 19.78
CA LEU B 50 -21.34 -1.13 20.90
C LEU B 50 -22.03 -0.70 22.19
N PRO B 51 -22.10 -1.61 23.18
CA PRO B 51 -22.86 -1.27 24.41
C PRO B 51 -22.17 -0.20 25.24
N GLU B 52 -22.70 0.03 26.44
CA GLU B 52 -22.11 1.01 27.34
C GLU B 52 -20.87 0.44 28.01
N GLY B 53 -19.98 1.35 28.41
CA GLY B 53 -18.70 0.97 28.96
C GLY B 53 -17.67 0.53 27.96
N VAL B 54 -18.09 0.05 26.79
CA VAL B 54 -17.15 -0.49 25.80
C VAL B 54 -16.42 0.67 25.14
N LYS B 55 -15.09 0.65 25.24
CA LYS B 55 -14.24 1.68 24.66
C LYS B 55 -13.51 1.13 23.45
N MET B 56 -13.36 1.97 22.43
CA MET B 56 -12.60 1.61 21.24
C MET B 56 -11.21 2.21 21.30
N THR B 57 -10.22 1.41 20.92
CA THR B 57 -8.81 1.79 20.93
C THR B 57 -8.24 1.63 19.52
N LYS B 58 -7.39 2.57 19.11
CA LYS B 58 -6.83 2.58 17.76
C LYS B 58 -5.35 2.90 17.82
N TYR B 59 -4.53 2.03 17.21
CA TYR B 59 -3.08 2.16 17.22
C TYR B 59 -2.53 2.18 15.79
N HIS B 60 -1.44 2.93 15.59
CA HIS B 60 -0.70 2.98 14.33
C HIS B 60 0.40 1.91 14.29
N VAL B 61 0.76 1.44 13.07
CA VAL B 61 1.77 0.40 12.92
C VAL B 61 2.97 0.91 12.11
N ASN B 62 4.11 0.24 12.29
CA ASN B 62 5.39 0.69 11.74
C ASN B 62 5.65 0.19 10.33
N PHE B 63 5.12 -0.98 9.96
CA PHE B 63 5.69 -1.74 8.85
C PHE B 63 5.18 -1.31 7.48
N MET B 64 4.73 -0.07 7.35
CA MET B 64 4.45 0.51 6.04
C MET B 64 5.15 1.85 5.93
N GLY B 65 5.69 2.13 4.74
CA GLY B 65 6.33 3.42 4.50
C GLY B 65 7.69 3.60 5.11
N GLY B 66 8.40 2.52 5.44
CA GLY B 66 9.78 2.59 5.90
C GLY B 66 9.95 3.40 7.18
N ASP B 67 11.07 4.14 7.23
CA ASP B 67 11.44 4.92 8.41
C ASP B 67 10.38 5.96 8.75
N LEU B 68 9.76 6.56 7.73
CA LEU B 68 8.75 7.57 7.96
C LEU B 68 7.53 6.97 8.64
N GLY B 69 7.27 5.68 8.38
CA GLY B 69 6.19 5.00 9.09
C GLY B 69 6.38 5.01 10.60
N LYS B 70 7.62 4.89 11.06
CA LYS B 70 7.87 4.90 12.49
C LYS B 70 7.64 6.29 13.08
N ASP B 71 8.02 7.35 12.35
CA ASP B 71 7.68 8.70 12.81
C ASP B 71 6.17 8.91 12.89
N LEU B 72 5.42 8.28 11.99
CA LEU B 72 3.97 8.44 12.02
C LEU B 72 3.34 7.71 13.19
N THR B 73 3.98 6.62 13.64
CA THR B 73 3.52 5.97 14.87
C THR B 73 3.73 6.88 16.08
N GLN B 74 4.83 7.64 16.09
CA GLN B 74 5.07 8.54 17.21
C GLN B 74 4.14 9.75 17.15
N ALA B 75 3.89 10.28 15.95
CA ALA B 75 2.93 11.36 15.80
C ALA B 75 1.52 10.93 16.20
N TRP B 76 1.16 9.66 15.95
CA TRP B 76 -0.16 9.19 16.37
C TRP B 76 -0.23 9.11 17.90
N ALA B 77 0.89 8.77 18.55
CA ALA B 77 0.93 8.84 20.02
C ALA B 77 0.74 10.27 20.51
N VAL B 78 1.36 11.25 19.84
CA VAL B 78 1.16 12.65 20.21
C VAL B 78 -0.31 13.02 20.08
N ALA B 79 -0.94 12.59 18.98
CA ALA B 79 -2.36 12.84 18.76
C ALA B 79 -3.21 12.28 19.91
N MET B 80 -2.88 11.08 20.40
CA MET B 80 -3.65 10.50 21.48
C MET B 80 -3.36 11.24 22.80
N ALA B 81 -2.09 11.58 23.03
CA ALA B 81 -1.73 12.29 24.26
C ALA B 81 -2.42 13.64 24.34
N LEU B 82 -2.46 14.37 23.23
CA LEU B 82 -3.10 15.68 23.18
C LEU B 82 -4.62 15.59 23.05
N GLY B 83 -5.15 14.40 22.77
CA GLY B 83 -6.56 14.22 22.53
C GLY B 83 -7.10 14.88 21.27
N VAL B 84 -6.29 14.95 20.20
CA VAL B 84 -6.71 15.62 18.96
C VAL B 84 -6.84 14.64 17.78
N GLU B 85 -7.14 13.37 18.06
CA GLU B 85 -7.29 12.38 17.00
C GLU B 85 -8.26 12.85 15.91
N ASP B 86 -9.43 13.36 16.31
CA ASP B 86 -10.43 13.74 15.33
C ASP B 86 -10.13 15.07 14.65
N LYS B 87 -9.04 15.74 15.02
CA LYS B 87 -8.62 16.91 14.28
C LYS B 87 -7.53 16.61 13.25
N VAL B 88 -6.71 15.57 13.45
CA VAL B 88 -5.55 15.32 12.59
C VAL B 88 -5.67 14.05 11.74
N THR B 89 -6.64 13.17 11.97
CA THR B 89 -6.65 11.91 11.22
C THR B 89 -6.82 12.15 9.72
N VAL B 90 -7.78 12.99 9.33
CA VAL B 90 -8.02 13.21 7.91
C VAL B 90 -6.85 13.99 7.29
N PRO B 91 -6.39 15.11 7.87
CA PRO B 91 -5.21 15.77 7.26
C PRO B 91 -3.98 14.88 7.10
N LEU B 92 -3.73 13.94 8.02
CA LEU B 92 -2.54 13.07 7.88
C LEU B 92 -2.72 12.08 6.73
N PHE B 93 -3.88 11.41 6.64
CA PHE B 93 -4.15 10.56 5.49
C PHE B 93 -3.95 11.34 4.18
N GLU B 94 -4.55 12.53 4.09
CA GLU B 94 -4.48 13.29 2.85
C GLU B 94 -3.06 13.75 2.56
N GLY B 95 -2.32 14.12 3.60
CA GLY B 95 -0.96 14.59 3.39
C GLY B 95 -0.01 13.50 2.93
N VAL B 96 -0.19 12.26 3.39
CA VAL B 96 0.67 11.17 2.93
C VAL B 96 0.21 10.68 1.55
N GLN B 97 -1.09 10.50 1.35
CA GLN B 97 -1.56 9.78 0.16
C GLN B 97 -2.14 10.68 -0.93
N LYS B 98 -2.73 11.83 -0.59
CA LYS B 98 -3.51 12.62 -1.54
C LYS B 98 -2.75 13.84 -2.09
N THR B 99 -2.57 14.87 -1.27
CA THR B 99 -1.73 15.99 -1.70
C THR B 99 -0.25 15.64 -1.65
N GLN B 100 0.12 14.59 -0.91
CA GLN B 100 1.51 14.13 -0.81
C GLN B 100 2.43 15.27 -0.42
N THR B 101 2.01 16.01 0.60
CA THR B 101 2.83 17.05 1.19
C THR B 101 3.51 16.60 2.48
N ILE B 102 3.30 15.35 2.88
CA ILE B 102 4.00 14.72 4.00
C ILE B 102 5.09 13.81 3.43
N ARG B 103 6.34 14.27 3.46
CA ARG B 103 7.47 13.53 2.92
C ARG B 103 8.52 13.22 3.98
N SER B 104 8.51 13.90 5.11
CA SER B 104 9.46 13.63 6.20
C SER B 104 8.82 14.07 7.52
N ALA B 105 9.55 13.84 8.63
CA ALA B 105 9.02 14.10 9.97
C ALA B 105 8.62 15.55 10.17
N SER B 106 9.34 16.48 9.53
CA SER B 106 9.04 17.91 9.69
C SER B 106 7.67 18.26 9.13
N ASP B 107 7.28 17.62 8.03
CA ASP B 107 5.97 17.87 7.45
C ASP B 107 4.84 17.43 8.38
N ILE B 108 5.05 16.38 9.17
CA ILE B 108 4.00 15.96 10.12
C ILE B 108 3.70 17.08 11.11
N ARG B 109 4.75 17.74 11.61
CA ARG B 109 4.60 18.82 12.58
C ARG B 109 3.74 19.96 12.01
N ASP B 110 3.92 20.30 10.72
CA ASP B 110 3.13 21.35 10.11
C ASP B 110 1.63 21.03 10.14
N VAL B 111 1.28 19.75 9.99
CA VAL B 111 -0.13 19.34 10.08
C VAL B 111 -0.72 19.72 11.45
N PHE B 112 -0.03 19.37 12.54
CA PHE B 112 -0.54 19.71 13.87
C PHE B 112 -0.63 21.23 14.07
N ILE B 113 0.38 21.97 13.61
CA ILE B 113 0.35 23.42 13.76
C ILE B 113 -0.81 24.00 12.96
N ASN B 114 -1.00 23.54 11.73
CA ASN B 114 -2.12 24.04 10.93
C ASN B 114 -3.47 23.61 11.49
N ALA B 115 -3.51 22.62 12.39
CA ALA B 115 -4.75 22.30 13.11
C ALA B 115 -4.94 23.14 14.39
N GLY B 116 -3.98 23.99 14.75
CA GLY B 116 -4.13 24.84 15.93
C GLY B 116 -3.28 24.47 17.13
N ILE B 117 -2.49 23.41 17.06
CA ILE B 117 -1.55 23.07 18.13
C ILE B 117 -0.30 23.94 17.98
N LYS B 118 0.08 24.65 19.05
CA LYS B 118 1.32 25.42 19.00
C LYS B 118 2.54 24.50 18.84
N GLY B 119 3.54 25.00 18.09
CA GLY B 119 4.71 24.20 17.79
C GLY B 119 5.46 23.73 19.03
N GLU B 120 5.60 24.62 20.02
CA GLU B 120 6.31 24.26 21.24
C GLU B 120 5.58 23.18 22.03
N GLU B 121 4.24 23.16 21.97
CA GLU B 121 3.47 22.09 22.63
C GLU B 121 3.64 20.75 21.91
N TYR B 122 3.57 20.76 20.57
CA TYR B 122 3.82 19.54 19.80
C TYR B 122 5.19 18.98 20.13
N ASP B 123 6.21 19.83 20.16
CA ASP B 123 7.57 19.40 20.45
C ASP B 123 7.68 18.83 21.86
N ALA B 124 7.13 19.54 22.84
CA ALA B 124 7.12 19.02 24.21
C ALA B 124 6.42 17.67 24.27
N ALA B 125 5.26 17.55 23.60
CA ALA B 125 4.55 16.28 23.60
C ALA B 125 5.39 15.23 22.91
N TRP B 126 5.93 15.55 21.72
CA TRP B 126 6.76 14.62 20.96
C TRP B 126 7.83 13.99 21.84
N ASN B 127 8.43 14.77 22.74
CA ASN B 127 9.54 14.33 23.58
C ASN B 127 9.10 13.84 24.95
N SER B 128 7.80 13.62 25.17
CA SER B 128 7.31 13.42 26.54
C SER B 128 7.36 11.95 26.93
N PHE B 129 7.29 11.70 28.23
CA PHE B 129 7.27 10.33 28.74
C PHE B 129 5.97 9.63 28.38
N VAL B 130 4.85 10.37 28.39
CA VAL B 130 3.57 9.82 27.96
C VAL B 130 3.67 9.30 26.53
N VAL B 131 4.25 10.09 25.63
CA VAL B 131 4.32 9.69 24.23
C VAL B 131 5.29 8.53 24.05
N LYS B 132 6.43 8.58 24.75
CA LYS B 132 7.37 7.48 24.71
C LYS B 132 6.73 6.17 25.15
N SER B 133 5.91 6.22 26.20
CA SER B 133 5.25 5.01 26.67
C SER B 133 4.18 4.52 25.69
N LEU B 134 3.51 5.46 25.01
CA LEU B 134 2.46 5.07 24.07
C LEU B 134 3.05 4.44 22.81
N VAL B 135 4.20 4.94 22.34
CA VAL B 135 4.89 4.29 21.23
C VAL B 135 5.20 2.84 21.60
N ALA B 136 5.66 2.63 22.83
CA ALA B 136 6.01 1.28 23.25
C ALA B 136 4.77 0.38 23.29
N GLN B 137 3.65 0.90 23.81
CA GLN B 137 2.45 0.07 23.88
C GLN B 137 1.95 -0.31 22.49
N GLN B 138 2.04 0.60 21.51
CA GLN B 138 1.59 0.26 20.17
C GLN B 138 2.47 -0.83 19.55
N GLU B 139 3.79 -0.72 19.71
CA GLU B 139 4.66 -1.73 19.14
C GLU B 139 4.45 -3.08 19.81
N LYS B 140 4.40 -3.10 21.15
CA LYS B 140 4.19 -4.36 21.86
C LYS B 140 2.89 -5.03 21.45
N ALA B 141 1.80 -4.24 21.32
CA ALA B 141 0.51 -4.83 21.01
C ALA B 141 0.51 -5.49 19.63
N ALA B 142 1.16 -4.87 18.65
CA ALA B 142 1.29 -5.51 17.35
C ALA B 142 2.14 -6.78 17.45
N ALA B 143 3.21 -6.74 18.25
CA ALA B 143 4.05 -7.92 18.42
C ALA B 143 3.30 -9.06 19.08
N ASP B 144 2.42 -8.74 20.04
CA ASP B 144 1.71 -9.78 20.78
C ASP B 144 0.75 -10.58 19.91
N VAL B 145 0.31 -10.05 18.77
CA VAL B 145 -0.57 -10.79 17.88
C VAL B 145 0.10 -11.12 16.56
N GLN B 146 1.42 -10.95 16.47
CA GLN B 146 2.17 -11.23 15.24
C GLN B 146 1.49 -10.61 14.03
N LEU B 147 1.19 -9.33 14.14
CA LEU B 147 0.42 -8.63 13.12
C LEU B 147 1.33 -8.26 11.95
N ARG B 148 0.90 -8.59 10.72
CA ARG B 148 1.66 -8.16 9.56
C ARG B 148 0.76 -7.66 8.44
N GLY B 149 -0.42 -7.13 8.78
CA GLY B 149 -1.25 -6.48 7.79
C GLY B 149 -2.29 -5.59 8.45
N VAL B 150 -2.60 -4.49 7.77
CA VAL B 150 -3.68 -3.58 8.21
C VAL B 150 -4.59 -3.30 7.04
N PRO B 151 -5.84 -2.87 7.28
CA PRO B 151 -6.46 -2.71 8.61
C PRO B 151 -6.68 -4.07 9.30
N ALA B 152 -6.83 -4.03 10.61
CA ALA B 152 -7.14 -5.23 11.40
C ALA B 152 -7.82 -4.78 12.68
N MET B 153 -8.71 -5.63 13.22
CA MET B 153 -9.40 -5.33 14.47
C MET B 153 -9.52 -6.58 15.33
N PHE B 154 -9.23 -6.43 16.63
CA PHE B 154 -9.29 -7.51 17.61
C PHE B 154 -10.24 -7.14 18.75
N VAL B 155 -10.95 -8.14 19.27
CA VAL B 155 -11.85 -7.93 20.40
C VAL B 155 -11.34 -8.72 21.61
N ASN B 156 -11.09 -8.00 22.72
CA ASN B 156 -10.68 -8.59 24.00
C ASN B 156 -9.42 -9.46 23.88
N GLY B 157 -8.58 -9.16 22.89
CA GLY B 157 -7.41 -9.96 22.65
C GLY B 157 -7.66 -11.42 22.31
N LYS B 158 -8.89 -11.78 21.94
CA LYS B 158 -9.26 -13.17 21.67
C LYS B 158 -9.62 -13.44 20.21
N TYR B 159 -10.38 -12.55 19.57
CA TYR B 159 -10.90 -12.79 18.23
C TYR B 159 -10.48 -11.67 17.28
N GLN B 160 -10.27 -12.04 16.02
CA GLN B 160 -9.86 -11.08 15.00
C GLN B 160 -10.91 -11.05 13.88
N LEU B 161 -11.30 -9.84 13.48
CA LEU B 161 -12.31 -9.67 12.43
C LEU B 161 -11.75 -10.15 11.10
N ASN B 162 -12.59 -10.85 10.32
CA ASN B 162 -12.21 -11.30 8.99
C ASN B 162 -13.17 -10.76 7.95
N PRO B 163 -12.96 -9.55 7.44
CA PRO B 163 -13.83 -9.01 6.40
C PRO B 163 -13.86 -9.83 5.12
N GLN B 164 -12.78 -10.57 4.81
CA GLN B 164 -12.78 -11.41 3.61
C GLN B 164 -13.91 -12.42 3.65
N GLY B 165 -14.30 -12.87 4.83
CA GLY B 165 -15.40 -13.80 4.93
C GLY B 165 -16.75 -13.14 5.13
N MET B 166 -16.88 -11.90 4.69
CA MET B 166 -18.12 -11.14 4.84
C MET B 166 -18.69 -10.82 3.46
N ASP B 167 -19.85 -10.16 3.46
CA ASP B 167 -20.58 -9.84 2.23
C ASP B 167 -20.01 -8.56 1.63
N THR B 168 -19.19 -8.70 0.61
CA THR B 168 -18.50 -7.57 0.00
C THR B 168 -19.24 -6.95 -1.18
N SER B 169 -20.47 -7.41 -1.47
CA SER B 169 -21.16 -6.95 -2.67
C SER B 169 -21.81 -5.58 -2.48
N ASN B 170 -22.36 -5.31 -1.30
CA ASN B 170 -23.01 -4.04 -0.99
C ASN B 170 -22.28 -3.40 0.18
N MET B 171 -21.76 -2.19 -0.03
CA MET B 171 -20.90 -1.58 0.98
C MET B 171 -21.67 -1.22 2.25
N ASP B 172 -22.88 -0.67 2.11
CA ASP B 172 -23.66 -0.34 3.31
C ASP B 172 -24.00 -1.60 4.11
N VAL B 173 -24.30 -2.70 3.42
CA VAL B 173 -24.63 -3.94 4.13
C VAL B 173 -23.38 -4.53 4.75
N PHE B 174 -22.24 -4.43 4.05
CA PHE B 174 -20.97 -4.90 4.59
C PHE B 174 -20.59 -4.15 5.85
N VAL B 175 -20.76 -2.83 5.86
CA VAL B 175 -20.38 -2.02 7.02
C VAL B 175 -21.20 -2.43 8.25
N GLN B 176 -22.53 -2.53 8.11
CA GLN B 176 -23.33 -2.95 9.25
C GLN B 176 -23.00 -4.38 9.70
N GLN B 177 -22.64 -5.26 8.77
CA GLN B 177 -22.30 -6.63 9.14
C GLN B 177 -20.99 -6.68 9.92
N TYR B 178 -20.00 -5.87 9.49
CA TYR B 178 -18.77 -5.72 10.26
C TYR B 178 -19.07 -5.18 11.65
N ALA B 179 -19.92 -4.16 11.74
CA ALA B 179 -20.26 -3.57 13.03
C ALA B 179 -21.03 -4.56 13.90
N ASP B 180 -21.94 -5.34 13.31
CA ASP B 180 -22.69 -6.33 14.07
C ASP B 180 -21.79 -7.45 14.60
N THR B 181 -20.80 -7.87 13.79
CA THR B 181 -19.86 -8.91 14.24
C THR B 181 -19.09 -8.44 15.47
N VAL B 182 -18.62 -7.19 15.47
CA VAL B 182 -17.94 -6.63 16.63
C VAL B 182 -18.85 -6.68 17.85
N LYS B 183 -20.10 -6.24 17.68
CA LYS B 183 -21.09 -6.30 18.75
C LYS B 183 -21.20 -7.72 19.30
N TYR B 184 -21.37 -8.69 18.41
CA TYR B 184 -21.48 -10.09 18.80
C TYR B 184 -20.28 -10.53 19.62
N LEU B 185 -19.07 -10.18 19.17
CA LEU B 185 -17.86 -10.63 19.83
C LEU B 185 -17.68 -9.96 21.19
N SER B 186 -18.15 -8.72 21.34
CA SER B 186 -17.95 -8.00 22.60
C SER B 186 -18.79 -8.62 23.72
N GLU B 187 -20.02 -9.05 23.41
CA GLU B 187 -20.88 -9.69 24.41
C GLU B 187 -20.66 -11.20 24.38
N LYS B 188 -19.48 -11.60 24.84
CA LYS B 188 -19.10 -13.01 24.81
C LYS B 188 -18.16 -13.37 25.95
#